data_4Z8S
#
_entry.id   4Z8S
#
_cell.length_a   144.970
_cell.length_b   134.210
_cell.length_c   44.670
_cell.angle_alpha   90.00
_cell.angle_beta   90.00
_cell.angle_gamma   90.00
#
_symmetry.space_group_name_H-M   'P 21 21 2'
#
loop_
_entity.id
_entity.type
_entity.pdbx_description
1 polymer 'rRNA N-glycosidase'
2 polymer 'rRNA N-glycosidase'
3 branched 2-acetamido-2-deoxy-beta-D-glucopyranose-(1-4)-2-acetamido-2-deoxy-beta-D-glucopyranose
4 branched beta-D-xylopyranose-(1-2)-beta-D-mannopyranose-(1-4)-2-acetamido-2-deoxy-beta-D-glucopyranose-(1-4)-[alpha-L-fucopyranose-(1-3)]2-acetamido-2-deoxy-beta-D-glucopyranose
5 non-polymer 2-acetamido-2-deoxy-beta-D-glucopyranose
6 non-polymer GLYCEROL
7 water water
#
loop_
_entity_poly.entity_id
_entity_poly.type
_entity_poly.pdbx_seq_one_letter_code
_entity_poly.pdbx_strand_id
1 'polypeptide(L)'
;NLSLSQSNFSADTYKSFIKNLRKQLTIGASYGSAGIPILKHSVPICERFLLVDLTNGDNETITLAINVEDAGFAAYRAAD
RSYFFQNAPPIASYVIFTDTNQNIMNFNNTFESIEIVGGTTRSETPLGIMHFEASIFHLFVHDENYVPTSFLVLIQMVLE
AAKFKFIEQKVIHSIMDMEDFTPGLAMLSLEENWTQLSLQLQASESLNGVFGDSVSLYNSMDEPIGVDSMYYPILTANMA
FQLYQCP
;
A
2 'polypeptide(L)'
;NEQCSPQQRTTRISGRDGLCVDVYGALTADGSRVILYPCGQQQNQQWTFYPDNTIRSLGKCLATSALSSGSNVVITNCDY
LRYDDGWMVSSSGTMMNKSSHLVLTANAATSRTNLTGENNVFAAKQAWRIGNYVEPIVTTIIGLRHMCLEATDNDTNVWL
ESCVKNKTKQYWALYSDDTIRVNNNRNLCVSSSTDSSSKLIVIRRCDGSINQRWVFTPQGTISNPGYEAVMDVAQNDVYL
KKIVLSSATDKGNGQQWTVFY
;
B
#
# COMPACT_ATOMS: atom_id res chain seq x y z
N ASN A 1 10.79 17.71 20.50
CA ASN A 1 11.11 17.16 19.16
C ASN A 1 11.14 15.65 19.21
N LEU A 2 10.27 15.05 18.42
CA LEU A 2 10.40 13.66 18.03
C LEU A 2 11.89 13.32 17.83
N SER A 3 12.36 12.21 18.38
CA SER A 3 13.79 11.89 18.23
C SER A 3 14.12 10.40 18.14
N LEU A 4 15.24 10.11 17.51
CA LEU A 4 15.75 8.74 17.37
C LEU A 4 17.25 8.76 17.58
N SER A 5 17.71 7.92 18.50
CA SER A 5 19.13 7.82 18.87
C SER A 5 19.73 6.44 18.51
N GLN A 6 20.93 6.45 17.95
CA GLN A 6 21.71 5.23 17.73
C GLN A 6 21.92 4.40 19.04
N SER A 7 21.95 5.09 20.16
CA SER A 7 22.09 4.49 21.48
C SER A 7 20.92 3.56 21.81
N ASN A 8 19.73 3.94 21.37
CA ASN A 8 18.52 3.17 21.61
C ASN A 8 17.83 2.98 20.27
N PHE A 9 18.38 2.10 19.45
CA PHE A 9 17.89 1.87 18.11
C PHE A 9 17.56 0.41 17.86
N SER A 10 16.47 -0.03 18.44
CA SER A 10 15.99 -1.39 18.29
C SER A 10 14.86 -1.36 17.31
N ALA A 11 14.52 -2.50 16.75
CA ALA A 11 13.40 -2.56 15.82
C ALA A 11 12.13 -1.86 16.40
N ASP A 12 11.84 -2.08 17.68
CA ASP A 12 10.73 -1.45 18.35
C ASP A 12 10.86 0.07 18.39
N THR A 13 12.01 0.59 18.80
CA THR A 13 12.09 2.01 18.95
C THR A 13 12.08 2.67 17.57
N TYR A 14 12.72 2.03 16.59
CA TYR A 14 12.70 2.54 15.22
C TYR A 14 11.25 2.61 14.73
N LYS A 15 10.52 1.50 14.90
CA LYS A 15 9.12 1.42 14.51
C LYS A 15 8.24 2.51 15.18
N SER A 16 8.40 2.71 16.49
CA SER A 16 7.65 3.74 17.20
C SER A 16 7.95 5.11 16.64
N PHE A 17 9.23 5.36 16.37
CA PHE A 17 9.66 6.64 15.80
C PHE A 17 8.96 6.89 14.45
N ILE A 18 9.00 5.90 13.57
CA ILE A 18 8.38 6.07 12.24
C ILE A 18 6.86 6.28 12.39
N LYS A 19 6.24 5.50 13.27
CA LYS A 19 4.80 5.61 13.55
C LYS A 19 4.45 7.04 14.02
N ASN A 20 5.26 7.59 14.91
CA ASN A 20 5.03 8.93 15.43
C ASN A 20 5.32 10.02 14.42
N LEU A 21 6.34 9.79 13.59
CA LEU A 21 6.63 10.71 12.51
C LEU A 21 5.45 10.79 11.54
N ARG A 22 4.92 9.64 11.12
CA ARG A 22 3.72 9.62 10.28
C ARG A 22 2.55 10.36 10.95
N LYS A 23 2.32 10.07 12.23
CA LYS A 23 1.25 10.69 13.02
C LYS A 23 1.34 12.21 12.92
N GLN A 24 2.52 12.72 13.18
CA GLN A 24 2.73 14.16 13.21
C GLN A 24 2.62 14.79 11.83
N LEU A 25 3.11 14.11 10.80
CA LEU A 25 3.01 14.63 9.43
C LEU A 25 1.56 14.74 8.98
N THR A 26 0.72 13.81 9.48
CA THR A 26 -0.65 13.67 9.01
C THR A 26 -1.70 14.43 9.86
N ILE A 27 -1.26 15.16 10.90
CA ILE A 27 -2.14 16.07 11.63
C ILE A 27 -2.79 16.99 10.61
N GLY A 28 -4.12 17.01 10.58
CA GLY A 28 -4.86 17.88 9.66
C GLY A 28 -4.82 17.42 8.19
N ALA A 29 -4.41 16.18 7.94
CA ALA A 29 -4.44 15.57 6.62
C ALA A 29 -5.91 15.40 6.18
N SER A 30 -6.13 15.51 4.87
CA SER A 30 -7.43 15.16 4.26
C SER A 30 -7.44 13.66 3.88
N TYR A 31 -8.63 13.15 3.60
CA TYR A 31 -8.82 11.73 3.26
C TYR A 31 -9.71 11.54 2.01
N GLY A 32 -9.37 10.54 1.21
CA GLY A 32 -10.22 10.10 0.09
C GLY A 32 -10.79 8.75 0.37
N SER A 33 -11.37 8.14 -0.66
CA SER A 33 -11.91 6.77 -0.61
C SER A 33 -10.87 5.75 -0.14
N ALA A 34 -9.67 5.86 -0.69
CA ALA A 34 -8.59 4.94 -0.34
C ALA A 34 -8.23 4.90 1.16
N GLY A 35 -8.61 5.91 1.94
CA GLY A 35 -8.25 5.96 3.36
C GLY A 35 -6.80 6.31 3.72
N ILE A 36 -6.00 6.74 2.73
CA ILE A 36 -4.60 7.05 2.92
C ILE A 36 -4.51 8.56 3.12
N PRO A 37 -4.03 9.03 4.29
CA PRO A 37 -3.97 10.49 4.56
C PRO A 37 -3.19 11.26 3.51
N ILE A 38 -3.73 12.41 3.12
CA ILE A 38 -3.10 13.28 2.13
C ILE A 38 -2.53 14.44 2.94
N LEU A 39 -1.24 14.71 2.77
CA LEU A 39 -0.54 15.74 3.55
C LEU A 39 -1.17 17.12 3.31
N LYS A 40 -0.96 17.99 4.27
CA LYS A 40 -1.47 19.37 4.23
C LYS A 40 -0.83 20.15 3.09
N HIS A 41 -1.48 21.22 2.69
CA HIS A 41 -1.01 22.04 1.57
C HIS A 41 -1.37 23.49 1.84
N SER A 42 -0.70 24.39 1.15
CA SER A 42 -0.88 25.83 1.41
C SER A 42 -0.75 26.14 2.91
N VAL A 43 0.32 25.64 3.52
CA VAL A 43 0.56 25.82 4.97
C VAL A 43 1.35 27.13 5.20
N PRO A 44 0.87 27.97 6.14
CA PRO A 44 1.64 29.20 6.44
C PRO A 44 3.06 28.81 6.82
N ILE A 45 4.03 29.49 6.23
CA ILE A 45 5.46 29.15 6.42
C ILE A 45 5.87 28.98 7.88
N CYS A 46 5.22 29.71 8.79
CA CYS A 46 5.45 29.56 10.24
C CYS A 46 5.03 28.21 10.80
N GLU A 47 4.20 27.46 10.08
CA GLU A 47 3.68 26.18 10.55
C GLU A 47 4.18 25.03 9.67
N ARG A 48 5.05 25.33 8.71
CA ARG A 48 5.34 24.38 7.66
C ARG A 48 6.39 23.35 8.00
N PHE A 49 7.02 23.45 9.17
CA PHE A 49 8.16 22.63 9.47
C PHE A 49 7.98 21.82 10.71
N LEU A 50 8.27 20.52 10.59
CA LEU A 50 8.36 19.61 11.71
C LEU A 50 9.84 19.28 12.00
N LEU A 51 10.23 19.44 13.26
CA LEU A 51 11.58 19.26 13.68
C LEU A 51 11.76 17.89 14.31
N VAL A 52 12.84 17.23 13.90
CA VAL A 52 13.14 15.89 14.29
C VAL A 52 14.62 15.87 14.72
N ASP A 53 14.91 15.22 15.85
CA ASP A 53 16.27 15.12 16.40
C ASP A 53 16.88 13.75 16.15
N LEU A 54 18.06 13.73 15.52
CA LEU A 54 18.78 12.47 15.33
C LEU A 54 20.13 12.52 16.02
N THR A 55 20.40 11.48 16.80
CA THR A 55 21.61 11.40 17.57
C THR A 55 22.36 10.13 17.21
N ASN A 56 23.65 10.28 16.95
CA ASN A 56 24.53 9.17 16.57
C ASN A 56 25.01 8.42 17.82
N GLY A 57 26.06 7.61 17.66
CA GLY A 57 26.53 6.75 18.74
C GLY A 57 27.25 7.44 19.89
N ASP A 58 27.53 8.73 19.78
CA ASP A 58 28.31 9.46 20.80
C ASP A 58 27.71 10.82 21.16
N ASN A 59 26.40 10.84 21.37
CA ASN A 59 25.71 12.05 21.81
C ASN A 59 25.98 13.32 20.94
N GLU A 60 26.16 13.13 19.63
CA GLU A 60 26.15 14.23 18.67
C GLU A 60 24.79 14.22 18.01
N THR A 61 24.13 15.39 18.04
CA THR A 61 22.73 15.49 17.71
C THR A 61 22.55 16.53 16.63
N ILE A 62 21.74 16.20 15.61
CA ILE A 62 21.30 17.18 14.63
C ILE A 62 19.79 17.27 14.69
N THR A 63 19.27 18.41 14.26
CA THR A 63 17.85 18.64 14.17
C THR A 63 17.52 18.91 12.72
N LEU A 64 16.62 18.10 12.15
CA LEU A 64 16.20 18.25 10.75
C LEU A 64 14.84 18.89 10.67
N ALA A 65 14.74 19.86 9.79
CA ALA A 65 13.46 20.47 9.45
C ALA A 65 12.80 19.74 8.28
N ILE A 66 11.65 19.16 8.52
CA ILE A 66 10.84 18.47 7.50
C ILE A 66 9.69 19.40 7.09
N ASN A 67 9.55 19.62 5.79
CA ASN A 67 8.43 20.36 5.24
C ASN A 67 7.20 19.47 5.35
N VAL A 68 6.18 19.91 6.08
CA VAL A 68 4.98 19.09 6.30
C VAL A 68 4.12 18.87 5.04
N GLU A 69 4.37 19.66 3.99
CA GLU A 69 3.63 19.55 2.73
C GLU A 69 4.10 18.40 1.88
N ASP A 70 5.41 18.14 1.87
CA ASP A 70 5.98 17.13 1.01
C ASP A 70 6.89 16.09 1.70
N ALA A 71 6.99 16.11 3.03
CA ALA A 71 7.81 15.16 3.78
C ALA A 71 9.24 15.10 3.24
N GLY A 72 9.77 16.27 2.92
CA GLY A 72 11.15 16.40 2.52
C GLY A 72 11.88 17.26 3.52
N PHE A 73 13.20 17.09 3.57
CA PHE A 73 14.06 17.91 4.39
C PHE A 73 14.30 19.24 3.73
N ALA A 74 14.03 20.33 4.46
CA ALA A 74 14.35 21.68 4.00
C ALA A 74 15.74 22.13 4.50
N ALA A 75 16.09 21.73 5.72
CA ALA A 75 17.29 22.23 6.37
C ALA A 75 17.58 21.41 7.61
N TYR A 76 18.75 21.63 8.18
CA TYR A 76 19.08 21.03 9.46
C TYR A 76 20.01 21.89 10.28
N ARG A 77 20.08 21.58 11.57
CA ARG A 77 20.92 22.31 12.52
C ARG A 77 21.87 21.35 13.20
N ALA A 78 23.11 21.82 13.37
CA ALA A 78 24.09 21.16 14.18
C ALA A 78 24.71 22.21 15.12
N ALA A 79 24.45 22.08 16.42
CA ALA A 79 24.93 23.04 17.43
C ALA A 79 24.45 24.47 17.09
N ASP A 80 25.35 25.40 16.83
CA ASP A 80 24.97 26.76 16.45
C ASP A 80 25.15 27.04 14.94
N ARG A 81 25.22 25.97 14.15
CA ARG A 81 25.24 26.09 12.70
C ARG A 81 23.97 25.46 12.09
N SER A 82 23.61 25.93 10.91
CA SER A 82 22.54 25.34 10.18
C SER A 82 22.81 25.42 8.70
N TYR A 83 22.09 24.55 7.96
CA TYR A 83 22.31 24.30 6.56
C TYR A 83 20.97 24.12 5.85
N PHE A 84 20.79 24.88 4.77
CA PHE A 84 19.52 24.98 4.06
C PHE A 84 19.76 24.50 2.67
N PHE A 85 18.85 23.65 2.16
CA PHE A 85 18.93 23.28 0.75
C PHE A 85 18.56 24.51 -0.08
N GLN A 86 19.15 24.56 -1.27
CA GLN A 86 18.98 25.63 -2.23
C GLN A 86 17.53 25.82 -2.65
N ASN A 87 16.77 24.73 -2.69
CA ASN A 87 15.34 24.76 -3.04
C ASN A 87 14.43 24.75 -1.82
N ALA A 88 14.98 25.00 -0.64
CA ALA A 88 14.13 25.20 0.54
C ALA A 88 13.27 26.41 0.25
N PRO A 89 12.08 26.50 0.86
CA PRO A 89 11.32 27.73 0.61
C PRO A 89 12.17 28.96 0.96
N PRO A 90 12.13 30.01 0.12
CA PRO A 90 13.05 31.14 0.38
C PRO A 90 12.84 31.87 1.73
N ILE A 91 11.65 31.76 2.33
CA ILE A 91 11.36 32.39 3.62
C ILE A 91 11.73 31.51 4.83
N ALA A 92 12.11 30.27 4.58
CA ALA A 92 12.37 29.31 5.69
C ALA A 92 13.44 29.77 6.71
N SER A 93 14.48 30.42 6.23
CA SER A 93 15.57 30.89 7.08
C SER A 93 15.15 31.95 8.09
N TYR A 94 14.02 32.64 7.85
CA TYR A 94 13.44 33.57 8.83
C TYR A 94 12.56 32.91 9.89
N VAL A 95 12.35 31.59 9.77
CA VAL A 95 11.39 30.87 10.61
C VAL A 95 12.03 29.76 11.43
N ILE A 96 13.00 29.05 10.85
CA ILE A 96 13.65 27.95 11.52
C ILE A 96 15.15 28.24 11.68
N PHE A 97 15.69 27.82 12.82
CA PHE A 97 17.12 27.92 13.08
C PHE A 97 17.58 29.40 12.94
N THR A 98 16.77 30.32 13.46
CA THR A 98 17.06 31.77 13.35
C THR A 98 18.30 32.18 14.15
N ASP A 99 18.54 31.56 15.29
CA ASP A 99 19.75 31.88 16.07
C ASP A 99 20.86 30.85 15.86
N THR A 100 21.33 30.78 14.61
CA THR A 100 22.46 29.94 14.24
C THR A 100 23.21 30.68 13.14
N ASN A 101 24.40 30.21 12.82
CA ASN A 101 25.06 30.64 11.60
C ASN A 101 24.47 29.81 10.47
N GLN A 102 23.66 30.47 9.65
CA GLN A 102 22.95 29.79 8.56
C GLN A 102 23.84 29.68 7.34
N ASN A 103 23.70 28.59 6.61
CA ASN A 103 24.43 28.35 5.38
C ASN A 103 23.53 27.71 4.33
N ILE A 104 23.92 27.89 3.07
CA ILE A 104 23.18 27.38 1.95
C ILE A 104 23.97 26.22 1.37
N MET A 105 23.32 25.08 1.21
CA MET A 105 23.92 23.96 0.52
C MET A 105 23.72 24.20 -0.96
N ASN A 106 24.71 23.87 -1.78
CA ASN A 106 24.61 24.16 -3.21
C ASN A 106 24.04 22.96 -3.99
N PHE A 107 22.96 22.41 -3.79
CA PHE A 107 22.13 21.33 -4.28
C PHE A 107 20.82 21.27 -3.53
N ASN A 108 19.84 20.74 -4.35
CA ASN A 108 18.47 20.57 -3.94
C ASN A 108 18.29 19.35 -3.08
N ASN A 109 17.18 19.31 -2.38
CA ASN A 109 16.82 18.19 -1.52
C ASN A 109 16.25 16.94 -2.24
N THR A 110 16.43 16.85 -3.56
CA THR A 110 15.97 15.73 -4.36
C THR A 110 17.08 14.72 -4.53
N PHE A 111 16.69 13.48 -4.77
CA PHE A 111 17.67 12.41 -4.97
C PHE A 111 18.55 12.71 -6.20
N GLU A 112 17.92 13.22 -7.26
CA GLU A 112 18.61 13.53 -8.50
C GLU A 112 19.74 14.52 -8.24
N SER A 113 19.41 15.60 -7.56
CA SER A 113 20.38 16.62 -7.22
C SER A 113 21.47 16.09 -6.30
N ILE A 114 21.05 15.41 -5.24
CA ILE A 114 22.03 14.95 -4.26
C ILE A 114 22.95 13.91 -4.90
N GLU A 115 22.39 13.05 -5.76
CA GLU A 115 23.20 12.05 -6.46
C GLU A 115 24.24 12.68 -7.43
N ILE A 116 23.85 13.71 -8.18
CA ILE A 116 24.80 14.37 -9.06
C ILE A 116 25.93 15.06 -8.27
N VAL A 117 25.58 15.78 -7.22
CA VAL A 117 26.57 16.50 -6.43
C VAL A 117 27.54 15.59 -5.71
N GLY A 118 27.03 14.50 -5.17
CA GLY A 118 27.86 13.56 -4.46
C GLY A 118 28.56 12.54 -5.32
N GLY A 119 28.18 12.46 -6.57
CA GLY A 119 28.80 11.48 -7.49
C GLY A 119 28.48 10.02 -7.21
N THR A 120 27.40 9.77 -6.46
CA THR A 120 27.05 8.42 -6.10
C THR A 120 25.54 8.22 -5.95
N THR A 121 25.10 7.02 -6.32
CA THR A 121 23.72 6.69 -6.38
C THR A 121 23.23 5.93 -5.14
N ARG A 122 21.92 5.96 -4.94
CA ARG A 122 21.28 5.20 -3.89
C ARG A 122 21.58 3.74 -4.01
N SER A 123 21.62 3.20 -5.22
CA SER A 123 21.90 1.77 -5.42
C SER A 123 23.25 1.32 -4.92
N GLU A 124 24.21 2.23 -4.87
CA GLU A 124 25.51 1.91 -4.31
C GLU A 124 25.79 2.45 -2.90
N THR A 125 24.75 2.92 -2.19
CA THR A 125 24.92 3.55 -0.88
C THR A 125 24.26 2.69 0.19
N PRO A 126 25.07 2.09 1.09
CA PRO A 126 24.46 1.15 2.04
C PRO A 126 23.64 1.85 3.10
N LEU A 127 22.65 1.12 3.60
CA LEU A 127 21.72 1.57 4.61
C LEU A 127 21.74 0.59 5.78
N GLY A 128 21.54 1.11 6.95
CA GLY A 128 21.54 0.32 8.13
C GLY A 128 21.93 1.20 9.26
N ILE A 129 21.92 0.62 10.43
CA ILE A 129 22.22 1.28 11.66
C ILE A 129 23.51 2.07 11.78
N MET A 130 24.60 1.50 11.31
CA MET A 130 25.92 2.11 11.33
C MET A 130 26.00 3.24 10.32
N HIS A 131 25.26 3.14 9.23
CA HIS A 131 25.28 4.17 8.18
C HIS A 131 24.45 5.39 8.62
N PHE A 132 23.35 5.10 9.30
CA PHE A 132 22.56 6.10 9.94
C PHE A 132 23.45 6.89 10.90
N GLU A 133 24.14 6.16 11.74
CA GLU A 133 25.00 6.72 12.79
C GLU A 133 26.06 7.65 12.18
N ALA A 134 26.81 7.11 11.23
CA ALA A 134 27.90 7.85 10.62
C ALA A 134 27.39 9.05 9.83
N SER A 135 26.21 8.89 9.23
CA SER A 135 25.60 9.98 8.48
C SER A 135 25.31 11.18 9.39
N ILE A 136 24.87 10.90 10.61
CA ILE A 136 24.59 11.95 11.56
C ILE A 136 25.87 12.69 11.90
N PHE A 137 26.93 11.92 12.14
CA PHE A 137 28.23 12.51 12.41
C PHE A 137 28.68 13.45 11.29
N HIS A 138 28.66 12.97 10.06
CA HIS A 138 29.21 13.75 8.96
C HIS A 138 28.42 15.02 8.71
N LEU A 139 27.11 14.95 8.96
CA LEU A 139 26.28 16.14 8.97
C LEU A 139 26.62 17.02 10.15
N PHE A 140 26.88 16.43 11.31
CA PHE A 140 27.18 17.25 12.50
C PHE A 140 28.36 18.16 12.26
N VAL A 141 29.43 17.62 11.68
CA VAL A 141 30.65 18.41 11.40
C VAL A 141 30.62 19.04 10.01
N HIS A 142 29.59 18.71 9.25
CA HIS A 142 29.40 19.20 7.90
C HIS A 142 30.65 18.99 7.06
N ASP A 143 31.13 17.74 7.06
CA ASP A 143 32.19 17.32 6.15
C ASP A 143 31.60 17.19 4.74
N GLU A 144 31.89 18.17 3.89
CA GLU A 144 31.27 18.29 2.56
C GLU A 144 31.48 17.09 1.66
N ASN A 145 32.57 16.35 1.86
CA ASN A 145 32.77 15.10 1.12
C ASN A 145 31.64 14.10 1.35
N TYR A 146 31.12 14.04 2.59
CA TYR A 146 30.15 13.03 2.98
C TYR A 146 28.71 13.51 3.16
N VAL A 147 28.47 14.81 3.01
CA VAL A 147 27.13 15.38 3.24
C VAL A 147 26.07 14.79 2.27
N PRO A 148 26.38 14.69 0.96
CA PRO A 148 25.38 14.12 0.04
C PRO A 148 25.00 12.68 0.35
N THR A 149 25.96 11.79 0.61
CA THR A 149 25.61 10.41 0.90
C THR A 149 24.96 10.30 2.25
N SER A 150 25.31 11.19 3.17
CA SER A 150 24.64 11.21 4.48
C SER A 150 23.14 11.52 4.33
N PHE A 151 22.80 12.44 3.43
CA PHE A 151 21.41 12.71 3.15
C PHE A 151 20.72 11.59 2.43
N LEU A 152 21.39 10.90 1.51
CA LEU A 152 20.78 9.73 0.89
C LEU A 152 20.36 8.66 1.91
N VAL A 153 21.24 8.45 2.89
CA VAL A 153 20.99 7.52 3.97
C VAL A 153 19.81 7.99 4.83
N LEU A 154 19.89 9.21 5.31
CA LEU A 154 18.91 9.67 6.30
C LEU A 154 17.55 9.97 5.66
N ILE A 155 17.54 10.52 4.48
CA ILE A 155 16.25 10.68 3.77
C ILE A 155 15.56 9.33 3.60
N GLN A 156 16.31 8.32 3.22
CA GLN A 156 15.70 7.02 2.97
C GLN A 156 15.28 6.34 4.25
N MET A 157 16.15 6.36 5.25
CA MET A 157 15.87 5.66 6.48
C MET A 157 14.82 6.35 7.37
N VAL A 158 14.61 7.66 7.19
CA VAL A 158 13.64 8.41 7.99
C VAL A 158 12.37 8.71 7.18
N LEU A 159 12.54 9.50 6.11
CA LEU A 159 11.42 10.05 5.37
C LEU A 159 10.75 9.06 4.45
N GLU A 160 11.56 8.37 3.65
CA GLU A 160 11.04 7.35 2.74
C GLU A 160 10.46 6.18 3.52
N ALA A 161 11.04 5.83 4.64
CA ALA A 161 10.46 4.82 5.51
C ALA A 161 9.10 5.27 6.06
N ALA A 162 8.99 6.57 6.37
CA ALA A 162 7.73 7.11 6.82
C ALA A 162 6.67 7.03 5.73
N LYS A 163 7.08 7.28 4.49
CA LYS A 163 6.16 7.21 3.36
C LYS A 163 5.67 5.80 3.05
N PHE A 164 6.50 4.79 3.26
CA PHE A 164 6.21 3.44 2.76
C PHE A 164 6.57 2.42 3.82
N LYS A 165 5.58 1.63 4.22
CA LYS A 165 5.79 0.56 5.18
C LYS A 165 6.78 -0.49 4.65
N PHE A 166 6.84 -0.67 3.34
CA PHE A 166 7.78 -1.59 2.76
C PHE A 166 9.21 -1.19 3.15
N ILE A 167 9.50 0.11 3.06
CA ILE A 167 10.83 0.65 3.31
C ILE A 167 11.14 0.62 4.81
N GLU A 168 10.17 1.00 5.63
CA GLU A 168 10.25 0.84 7.08
C GLU A 168 10.64 -0.60 7.43
N GLN A 169 10.02 -1.54 6.74
CA GLN A 169 10.27 -2.94 7.01
C GLN A 169 11.63 -3.38 6.53
N LYS A 170 12.11 -2.85 5.39
CA LYS A 170 13.49 -3.13 4.99
C LYS A 170 14.50 -2.72 6.06
N VAL A 171 14.25 -1.62 6.75
CA VAL A 171 15.16 -1.18 7.79
C VAL A 171 15.02 -2.06 9.04
N ILE A 172 13.81 -2.48 9.37
CA ILE A 172 13.58 -3.39 10.48
C ILE A 172 14.29 -4.72 10.22
N HIS A 173 14.14 -5.28 9.03
CA HIS A 173 14.87 -6.47 8.66
C HIS A 173 16.35 -6.30 8.89
N SER A 174 16.87 -5.14 8.50
CA SER A 174 18.27 -4.79 8.67
C SER A 174 18.73 -4.71 10.13
N ILE A 175 17.87 -4.24 11.01
CA ILE A 175 18.17 -4.20 12.44
C ILE A 175 18.11 -5.61 13.03
N MET A 176 17.08 -6.37 12.70
CA MET A 176 16.87 -7.69 13.27
C MET A 176 18.01 -8.64 12.81
N ASP A 177 18.30 -8.62 11.50
CA ASP A 177 19.31 -9.48 10.89
C ASP A 177 20.76 -9.01 11.11
N MET A 178 20.97 -7.81 11.66
CA MET A 178 22.32 -7.25 11.84
C MET A 178 23.11 -7.29 10.50
N GLU A 179 22.48 -6.73 9.47
CA GLU A 179 22.97 -6.79 8.08
C GLU A 179 22.56 -5.49 7.38
N ASP A 180 23.53 -4.73 6.89
CA ASP A 180 23.20 -3.59 6.07
C ASP A 180 22.72 -4.03 4.69
N PHE A 181 22.16 -3.10 3.94
CA PHE A 181 21.59 -3.39 2.60
C PHE A 181 21.68 -2.16 1.72
N THR A 182 21.59 -2.39 0.41
CA THR A 182 21.40 -1.34 -0.57
C THR A 182 19.99 -1.47 -1.12
N PRO A 183 19.33 -0.35 -1.42
CA PRO A 183 17.96 -0.43 -1.91
C PRO A 183 17.94 -1.05 -3.32
N GLY A 184 17.01 -1.97 -3.55
CA GLY A 184 16.81 -2.57 -4.86
C GLY A 184 15.68 -1.91 -5.59
N LEU A 185 15.24 -2.53 -6.69
CA LEU A 185 14.22 -1.91 -7.54
C LEU A 185 12.90 -1.69 -6.78
N ALA A 186 12.60 -2.59 -5.83
CA ALA A 186 11.37 -2.47 -5.08
C ALA A 186 11.30 -1.13 -4.32
N MET A 187 12.31 -0.88 -3.50
CA MET A 187 12.45 0.32 -2.71
C MET A 187 12.55 1.59 -3.59
N LEU A 188 13.38 1.55 -4.61
CA LEU A 188 13.56 2.68 -5.51
C LEU A 188 12.31 3.00 -6.29
N SER A 189 11.58 1.99 -6.74
CA SER A 189 10.37 2.25 -7.50
C SER A 189 9.33 2.92 -6.61
N LEU A 190 9.29 2.61 -5.31
CA LEU A 190 8.40 3.36 -4.40
C LEU A 190 8.84 4.81 -4.27
N GLU A 191 10.11 4.98 -3.96
CA GLU A 191 10.68 6.32 -3.80
C GLU A 191 10.42 7.14 -5.04
N GLU A 192 10.75 6.58 -6.20
CA GLU A 192 10.58 7.27 -7.47
C GLU A 192 9.13 7.69 -7.70
N ASN A 193 8.17 6.85 -7.31
CA ASN A 193 6.80 7.08 -7.70
C ASN A 193 5.86 7.67 -6.64
N TRP A 194 6.39 8.08 -5.50
CA TRP A 194 5.52 8.58 -4.41
C TRP A 194 4.54 9.69 -4.91
N THR A 195 5.10 10.66 -5.60
CA THR A 195 4.38 11.76 -6.22
C THR A 195 3.30 11.28 -7.24
N GLN A 196 3.69 10.41 -8.15
CA GLN A 196 2.78 9.91 -9.16
C GLN A 196 1.66 9.04 -8.55
N LEU A 197 1.97 8.18 -7.57
CA LEU A 197 0.92 7.40 -6.87
C LEU A 197 -0.05 8.30 -6.15
N SER A 198 0.47 9.38 -5.55
CA SER A 198 -0.34 10.41 -4.91
C SER A 198 -1.36 10.95 -5.89
N LEU A 199 -0.91 11.34 -7.07
CA LEU A 199 -1.77 11.95 -8.08
C LEU A 199 -2.82 10.96 -8.55
N GLN A 200 -2.38 9.73 -8.85
CA GLN A 200 -3.29 8.74 -9.41
C GLN A 200 -4.36 8.33 -8.42
N LEU A 201 -3.98 8.16 -7.16
CA LEU A 201 -4.94 7.79 -6.12
C LEU A 201 -6.01 8.84 -5.96
N GLN A 202 -5.58 10.10 -5.97
CA GLN A 202 -6.54 11.20 -5.83
C GLN A 202 -7.38 11.33 -7.09
N ALA A 203 -6.76 11.16 -8.25
CA ALA A 203 -7.47 11.25 -9.51
C ALA A 203 -8.45 10.10 -9.70
N SER A 204 -8.18 8.97 -9.07
CA SER A 204 -9.00 7.77 -9.18
C SER A 204 -10.42 7.93 -8.60
N GLU A 205 -10.60 8.91 -7.73
CA GLU A 205 -11.93 9.25 -7.17
C GLU A 205 -13.04 9.37 -8.22
N SER A 206 -12.72 9.88 -9.39
CA SER A 206 -13.70 10.04 -10.44
C SER A 206 -13.79 8.86 -11.42
N LEU A 207 -13.03 7.78 -11.19
CA LEU A 207 -13.03 6.60 -12.04
C LEU A 207 -13.16 5.32 -11.24
N ASN A 208 -13.99 5.33 -10.18
CA ASN A 208 -14.17 4.13 -9.38
C ASN A 208 -12.86 3.46 -8.87
N GLY A 209 -11.87 4.29 -8.53
CA GLY A 209 -10.62 3.80 -7.96
C GLY A 209 -9.59 3.36 -8.97
N VAL A 210 -9.86 3.62 -10.23
CA VAL A 210 -8.98 3.24 -11.30
C VAL A 210 -8.16 4.47 -11.68
N PHE A 211 -6.89 4.22 -11.94
CA PHE A 211 -5.94 5.27 -12.22
C PHE A 211 -6.07 5.73 -13.67
N GLY A 212 -5.64 6.97 -13.94
CA GLY A 212 -5.45 7.47 -15.30
C GLY A 212 -4.21 6.91 -15.97
N ASP A 213 -3.13 6.70 -15.22
CA ASP A 213 -1.93 5.99 -15.72
C ASP A 213 -1.53 4.85 -14.82
N SER A 214 -0.83 3.87 -15.36
CA SER A 214 -0.23 2.80 -14.59
C SER A 214 1.12 3.23 -14.03
N VAL A 215 1.45 2.72 -12.84
CA VAL A 215 2.72 2.96 -12.16
C VAL A 215 3.37 1.60 -11.93
N SER A 216 4.63 1.45 -12.34
CA SER A 216 5.35 0.19 -12.15
C SER A 216 6.04 0.10 -10.81
N LEU A 217 5.65 -0.87 -9.99
CA LEU A 217 6.32 -1.09 -8.73
C LEU A 217 6.95 -2.45 -8.80
N TYR A 218 8.23 -2.54 -8.46
CA TYR A 218 8.91 -3.82 -8.44
C TYR A 218 8.74 -4.55 -7.09
N ASN A 219 8.69 -5.88 -7.16
CA ASN A 219 8.71 -6.68 -5.96
C ASN A 219 10.14 -7.07 -5.63
N SER A 220 10.32 -7.86 -4.56
CA SER A 220 11.68 -8.26 -4.13
C SER A 220 12.37 -9.22 -5.11
N MET A 221 11.62 -9.82 -6.02
CA MET A 221 12.20 -10.64 -7.07
C MET A 221 12.51 -9.86 -8.36
N ASP A 222 12.55 -8.53 -8.31
CA ASP A 222 12.75 -7.64 -9.47
C ASP A 222 11.74 -7.82 -10.59
N GLU A 223 10.55 -8.28 -10.24
CA GLU A 223 9.44 -8.36 -11.18
C GLU A 223 8.63 -7.05 -11.09
N PRO A 224 8.28 -6.49 -12.24
CA PRO A 224 7.46 -5.31 -12.22
C PRO A 224 5.97 -5.62 -12.14
N ILE A 225 5.31 -4.89 -11.24
CA ILE A 225 3.87 -4.99 -11.01
C ILE A 225 3.24 -3.66 -11.39
N GLY A 226 2.33 -3.70 -12.37
CA GLY A 226 1.60 -2.51 -12.78
C GLY A 226 0.51 -2.20 -11.78
N VAL A 227 0.53 -0.99 -11.25
CA VAL A 227 -0.51 -0.52 -10.32
C VAL A 227 -1.24 0.54 -11.09
N ASP A 228 -2.43 0.15 -11.56
CA ASP A 228 -3.27 1.04 -12.35
C ASP A 228 -4.60 1.23 -11.69
N SER A 229 -4.63 1.02 -10.37
CA SER A 229 -5.81 1.20 -9.54
C SER A 229 -5.41 1.15 -8.06
N MET A 230 -6.38 1.44 -7.19
CA MET A 230 -6.21 1.34 -5.74
C MET A 230 -6.39 -0.07 -5.15
N TYR A 231 -6.61 -1.08 -6.01
CA TYR A 231 -6.94 -2.44 -5.57
C TYR A 231 -5.72 -3.36 -5.54
N TYR A 232 -4.59 -2.79 -5.12
CA TYR A 232 -3.33 -3.49 -4.99
C TYR A 232 -2.88 -3.31 -3.54
N PRO A 233 -2.82 -4.40 -2.74
CA PRO A 233 -2.32 -4.32 -1.39
C PRO A 233 -0.91 -3.74 -1.27
N ILE A 234 -0.10 -3.92 -2.31
CA ILE A 234 1.25 -3.41 -2.30
C ILE A 234 1.32 -1.90 -2.41
N LEU A 235 0.22 -1.27 -2.79
CA LEU A 235 0.10 0.19 -2.64
C LEU A 235 -0.67 0.55 -1.36
N THR A 236 -1.88 0.03 -1.31
CA THR A 236 -2.89 0.48 -0.35
C THR A 236 -2.56 0.15 1.12
N ALA A 237 -1.81 -0.93 1.33
CA ALA A 237 -1.30 -1.25 2.65
C ALA A 237 0.16 -0.83 2.87
N ASN A 238 0.72 0.00 2.00
CA ASN A 238 2.14 0.33 2.02
C ASN A 238 2.35 1.85 2.15
N MET A 239 1.83 2.60 1.17
CA MET A 239 1.97 4.05 1.14
C MET A 239 1.18 4.60 2.29
N ALA A 240 1.89 5.17 3.28
CA ALA A 240 1.28 5.62 4.53
C ALA A 240 0.63 7.01 4.42
N PHE A 241 1.10 7.85 3.51
CA PHE A 241 0.50 9.14 3.27
C PHE A 241 0.90 9.63 1.89
N GLN A 242 0.15 10.59 1.36
CA GLN A 242 0.35 11.10 -0.01
C GLN A 242 0.64 12.59 -0.04
N LEU A 243 1.24 13.04 -1.14
CA LEU A 243 1.34 14.45 -1.49
C LEU A 243 -0.03 14.93 -1.96
N TYR A 244 -0.45 16.11 -1.52
CA TYR A 244 -1.66 16.73 -2.05
C TYR A 244 -1.49 16.98 -3.52
N GLN A 245 -2.43 16.50 -4.32
CA GLN A 245 -2.37 16.67 -5.79
C GLN A 245 -3.65 17.20 -6.46
N CYS A 246 -4.83 16.83 -5.97
CA CYS A 246 -6.05 17.16 -6.68
C CYS A 246 -7.09 17.79 -5.77
N PRO A 247 -7.90 18.71 -6.32
CA PRO A 247 -9.10 19.12 -5.60
C PRO A 247 -10.15 17.99 -5.54
N ASN B 1 -4.91 21.23 -13.65
CA ASN B 1 -4.32 19.90 -13.71
C ASN B 1 -5.32 18.84 -14.17
N GLU B 2 -5.38 18.63 -15.48
CA GLU B 2 -6.29 17.65 -16.05
C GLU B 2 -5.95 16.21 -15.76
N GLN B 3 -4.81 15.98 -15.15
CA GLN B 3 -4.43 14.64 -14.80
C GLN B 3 -5.29 14.23 -13.67
N CYS B 4 -5.87 15.19 -13.01
CA CYS B 4 -6.81 14.95 -11.92
C CYS B 4 -8.17 14.41 -12.40
N SER B 5 -8.46 14.51 -13.70
CA SER B 5 -9.76 14.09 -14.28
C SER B 5 -9.55 13.22 -15.50
N PRO B 6 -8.99 12.00 -15.32
CA PRO B 6 -8.76 11.15 -16.48
C PRO B 6 -10.10 10.75 -17.08
N GLN B 7 -10.17 10.72 -18.40
CA GLN B 7 -11.45 10.54 -19.10
C GLN B 7 -11.79 9.08 -19.26
N GLN B 8 -10.77 8.23 -19.23
CA GLN B 8 -10.97 6.80 -19.30
C GLN B 8 -9.74 6.05 -18.90
N ARG B 9 -9.95 4.78 -18.58
CA ARG B 9 -8.86 3.84 -18.46
C ARG B 9 -9.35 2.43 -18.81
N THR B 10 -8.56 1.75 -19.63
CA THR B 10 -8.81 0.39 -20.01
C THR B 10 -7.96 -0.54 -19.17
N THR B 11 -8.62 -1.52 -18.56
CA THR B 11 -7.94 -2.44 -17.66
C THR B 11 -8.59 -3.84 -17.73
N ARG B 12 -8.20 -4.74 -16.85
CA ARG B 12 -8.86 -6.04 -16.75
C ARG B 12 -9.49 -6.09 -15.38
N ILE B 13 -10.27 -7.16 -15.15
CA ILE B 13 -10.93 -7.36 -13.88
C ILE B 13 -10.77 -8.81 -13.56
N SER B 14 -10.08 -9.10 -12.47
CA SER B 14 -9.87 -10.46 -12.06
C SER B 14 -10.53 -10.68 -10.70
N GLY B 15 -10.78 -11.93 -10.35
CA GLY B 15 -11.57 -12.23 -9.16
C GLY B 15 -11.34 -13.65 -8.73
N ARG B 16 -12.42 -14.41 -8.56
CA ARG B 16 -12.33 -15.75 -7.99
C ARG B 16 -11.28 -16.68 -8.65
N ASP B 17 -10.40 -17.26 -7.84
CA ASP B 17 -9.31 -18.15 -8.27
C ASP B 17 -8.36 -17.49 -9.26
N GLY B 18 -8.38 -16.15 -9.29
CA GLY B 18 -7.58 -15.38 -10.21
C GLY B 18 -8.02 -15.44 -11.64
N LEU B 19 -9.29 -15.77 -11.88
CA LEU B 19 -9.85 -15.74 -13.23
C LEU B 19 -10.40 -14.37 -13.53
N CYS B 20 -10.54 -14.07 -14.81
CA CYS B 20 -10.93 -12.75 -15.29
C CYS B 20 -12.38 -12.68 -15.72
N VAL B 21 -12.91 -11.45 -15.62
CA VAL B 21 -14.22 -11.11 -16.10
C VAL B 21 -14.16 -11.04 -17.60
N ASP B 22 -15.01 -11.81 -18.29
CA ASP B 22 -14.87 -12.12 -19.72
C ASP B 22 -16.26 -12.11 -20.37
N VAL B 23 -16.44 -11.33 -21.43
CA VAL B 23 -17.67 -11.39 -22.23
C VAL B 23 -17.59 -12.65 -23.09
N TYR B 24 -18.50 -13.59 -22.82
CA TYR B 24 -18.43 -14.95 -23.35
C TYR B 24 -18.54 -14.92 -24.86
N GLY B 25 -17.57 -15.59 -25.51
CA GLY B 25 -17.39 -15.59 -26.96
C GLY B 25 -17.28 -14.25 -27.67
N ALA B 26 -17.02 -13.16 -26.93
CA ALA B 26 -16.93 -11.79 -27.47
C ALA B 26 -18.18 -11.36 -28.24
N LEU B 27 -19.34 -11.81 -27.77
CA LEU B 27 -20.59 -11.54 -28.43
C LEU B 27 -21.06 -10.18 -27.98
N THR B 28 -21.64 -9.43 -28.93
CA THR B 28 -21.91 -8.01 -28.76
C THR B 28 -23.37 -7.71 -28.67
N ALA B 29 -24.22 -8.73 -28.79
CA ALA B 29 -25.67 -8.53 -28.74
C ALA B 29 -26.11 -8.18 -27.32
N ASP B 30 -27.09 -7.29 -27.20
CA ASP B 30 -27.56 -6.87 -25.90
C ASP B 30 -27.90 -8.12 -25.08
N GLY B 31 -27.49 -8.14 -23.82
CA GLY B 31 -27.75 -9.26 -22.91
C GLY B 31 -26.73 -10.38 -23.02
N SER B 32 -25.68 -10.20 -23.83
CA SER B 32 -24.64 -11.24 -23.94
C SER B 32 -23.95 -11.34 -22.60
N ARG B 33 -23.82 -12.56 -22.11
CA ARG B 33 -23.48 -12.80 -20.71
C ARG B 33 -22.00 -12.63 -20.46
N VAL B 34 -21.70 -12.27 -19.22
CA VAL B 34 -20.33 -12.17 -18.73
C VAL B 34 -20.00 -13.42 -17.87
N ILE B 35 -18.82 -13.96 -18.09
CA ILE B 35 -18.37 -15.13 -17.38
C ILE B 35 -17.00 -14.93 -16.71
N LEU B 36 -16.63 -15.96 -15.98
CA LEU B 36 -15.33 -16.13 -15.42
C LEU B 36 -14.47 -16.93 -16.44
N TYR B 37 -13.25 -16.47 -16.75
CA TYR B 37 -12.41 -17.19 -17.72
C TYR B 37 -10.95 -16.93 -17.45
N PRO B 38 -10.05 -17.89 -17.79
CA PRO B 38 -8.64 -17.59 -17.61
C PRO B 38 -8.20 -16.31 -18.30
N CYS B 39 -7.33 -15.56 -17.63
CA CYS B 39 -6.98 -14.23 -18.03
C CYS B 39 -6.06 -14.24 -19.25
N GLY B 40 -6.35 -13.38 -20.23
CA GLY B 40 -5.46 -13.15 -21.36
C GLY B 40 -5.63 -11.73 -21.90
N GLN B 41 -5.11 -11.52 -23.11
CA GLN B 41 -5.10 -10.20 -23.76
C GLN B 41 -6.30 -9.86 -24.61
N GLN B 42 -7.23 -10.79 -24.74
CA GLN B 42 -8.34 -10.63 -25.68
C GLN B 42 -9.27 -9.47 -25.30
N GLN B 43 -9.81 -8.83 -26.33
CA GLN B 43 -10.65 -7.61 -26.20
C GLN B 43 -11.83 -7.78 -25.28
N ASN B 44 -12.41 -8.98 -25.29
CA ASN B 44 -13.56 -9.27 -24.45
C ASN B 44 -13.21 -9.45 -22.95
N GLN B 45 -11.95 -9.34 -22.57
CA GLN B 45 -11.56 -9.11 -21.16
C GLN B 45 -11.02 -7.69 -20.87
N GLN B 46 -11.05 -6.80 -21.86
CA GLN B 46 -10.60 -5.41 -21.71
C GLN B 46 -11.82 -4.59 -21.27
N TRP B 47 -11.74 -4.01 -20.06
CA TRP B 47 -12.81 -3.24 -19.46
C TRP B 47 -12.37 -1.77 -19.29
N THR B 48 -13.16 -0.86 -19.86
CA THR B 48 -12.84 0.56 -19.88
C THR B 48 -13.78 1.25 -18.92
N PHE B 49 -13.19 2.01 -17.99
CA PHE B 49 -13.90 2.74 -16.96
C PHE B 49 -13.98 4.18 -17.39
N TYR B 50 -15.11 4.80 -17.03
CA TYR B 50 -15.43 6.16 -17.47
C TYR B 50 -16.05 6.90 -16.30
N PRO B 51 -16.00 8.25 -16.33
CA PRO B 51 -16.51 9.04 -15.22
C PRO B 51 -18.03 9.02 -15.06
N ASP B 52 -18.75 8.51 -16.04
CA ASP B 52 -20.20 8.28 -15.90
C ASP B 52 -20.56 7.01 -15.16
N ASN B 53 -19.58 6.36 -14.54
CA ASN B 53 -19.75 5.12 -13.79
C ASN B 53 -20.18 3.91 -14.66
N THR B 54 -19.81 3.94 -15.93
CA THR B 54 -19.96 2.77 -16.75
C THR B 54 -18.66 2.00 -16.83
N ILE B 55 -18.81 0.69 -17.00
CA ILE B 55 -17.69 -0.22 -17.25
C ILE B 55 -17.98 -0.95 -18.55
N ARG B 56 -17.06 -0.84 -19.50
CA ARG B 56 -17.33 -1.21 -20.89
C ARG B 56 -16.31 -2.15 -21.52
N SER B 57 -16.82 -3.11 -22.30
CA SER B 57 -16.02 -3.98 -23.18
C SER B 57 -16.76 -4.09 -24.50
N LEU B 58 -16.00 -4.20 -25.60
CA LEU B 58 -16.59 -4.35 -26.95
C LEU B 58 -17.57 -3.24 -27.28
N GLY B 59 -17.34 -2.06 -26.69
CA GLY B 59 -18.17 -0.89 -26.92
C GLY B 59 -19.45 -0.84 -26.14
N LYS B 60 -19.74 -1.82 -25.28
CA LYS B 60 -21.01 -1.86 -24.53
C LYS B 60 -20.78 -1.96 -23.03
N CYS B 61 -21.86 -1.81 -22.27
CA CYS B 61 -21.81 -1.61 -20.84
C CYS B 61 -22.15 -2.82 -19.97
N LEU B 62 -21.26 -3.09 -18.99
CA LEU B 62 -21.52 -4.09 -17.98
C LEU B 62 -22.78 -3.72 -17.23
N ALA B 63 -23.62 -4.69 -16.94
CA ALA B 63 -24.92 -4.44 -16.34
C ALA B 63 -25.53 -5.69 -15.73
N THR B 64 -26.25 -5.47 -14.63
CA THR B 64 -27.18 -6.47 -14.12
C THR B 64 -28.36 -6.59 -15.15
N SER B 65 -29.08 -7.71 -15.07
CA SER B 65 -30.19 -8.01 -15.98
C SER B 65 -31.51 -8.18 -15.27
N ALA B 66 -31.55 -8.05 -13.94
CA ALA B 66 -32.80 -8.10 -13.20
C ALA B 66 -32.67 -7.26 -11.93
N LEU B 67 -33.80 -6.86 -11.35
CA LEU B 67 -33.86 -6.29 -10.00
C LEU B 67 -33.59 -7.31 -8.91
N SER B 68 -34.13 -8.51 -9.04
CA SER B 68 -33.88 -9.55 -8.04
C SER B 68 -32.49 -10.18 -8.27
N SER B 69 -31.91 -10.70 -7.20
CA SER B 69 -30.68 -11.46 -7.28
C SER B 69 -30.83 -12.73 -8.12
N GLY B 70 -29.71 -13.27 -8.58
CA GLY B 70 -29.63 -14.61 -9.17
C GLY B 70 -29.43 -14.65 -10.67
N SER B 71 -29.74 -13.55 -11.37
CA SER B 71 -29.59 -13.42 -12.83
C SER B 71 -28.19 -12.96 -13.32
N ASN B 72 -27.92 -13.24 -14.58
CA ASN B 72 -26.63 -13.00 -15.17
C ASN B 72 -26.28 -11.52 -15.20
N VAL B 73 -24.99 -11.23 -15.12
CA VAL B 73 -24.48 -9.93 -15.47
C VAL B 73 -24.14 -10.02 -16.94
N VAL B 74 -24.47 -8.96 -17.66
CA VAL B 74 -24.37 -8.92 -19.12
C VAL B 74 -23.68 -7.63 -19.60
N ILE B 75 -23.39 -7.55 -20.90
CA ILE B 75 -23.11 -6.27 -21.52
C ILE B 75 -24.34 -5.92 -22.31
N THR B 76 -24.62 -4.62 -22.43
CA THR B 76 -25.80 -4.16 -23.15
C THR B 76 -25.52 -2.76 -23.66
N ASN B 77 -26.34 -2.31 -24.59
CA ASN B 77 -26.17 -1.01 -25.25
C ASN B 77 -26.19 0.08 -24.18
N CYS B 78 -25.15 0.92 -24.17
CA CYS B 78 -24.97 1.96 -23.12
C CYS B 78 -26.07 3.04 -23.11
N ASP B 79 -26.72 3.28 -24.26
CA ASP B 79 -27.86 4.21 -24.31
C ASP B 79 -29.03 3.74 -23.47
N TYR B 80 -29.16 2.42 -23.24
CA TYR B 80 -30.19 1.87 -22.32
C TYR B 80 -29.96 2.27 -20.85
N LEU B 81 -28.81 2.83 -20.53
CA LEU B 81 -28.45 3.23 -19.17
C LEU B 81 -28.25 4.73 -18.98
N ARG B 82 -28.70 5.54 -19.91
CA ARG B 82 -28.54 6.98 -19.85
C ARG B 82 -29.04 7.66 -18.58
N TYR B 83 -29.96 7.03 -17.88
CA TYR B 83 -30.51 7.61 -16.68
C TYR B 83 -30.28 6.75 -15.47
N ASP B 84 -29.28 5.90 -15.54
CA ASP B 84 -28.92 5.02 -14.46
C ASP B 84 -27.64 5.53 -13.81
N ASP B 85 -27.54 5.45 -12.50
CA ASP B 85 -26.31 5.93 -11.83
C ASP B 85 -25.09 5.03 -12.01
N GLY B 86 -25.29 3.74 -12.29
CA GLY B 86 -24.23 2.86 -12.73
C GLY B 86 -23.62 2.07 -11.61
N TRP B 87 -22.36 1.74 -11.77
CA TRP B 87 -21.61 0.94 -10.81
C TRP B 87 -20.80 1.74 -9.80
N MET B 88 -20.63 1.15 -8.65
CA MET B 88 -19.87 1.70 -7.58
C MET B 88 -18.97 0.60 -7.06
N VAL B 89 -17.68 0.84 -7.06
CA VAL B 89 -16.74 -0.11 -6.58
C VAL B 89 -16.29 0.33 -5.19
N SER B 90 -16.50 -0.49 -4.17
CA SER B 90 -16.03 -0.14 -2.82
C SER B 90 -14.49 -0.20 -2.77
N SER B 91 -13.94 0.36 -1.71
CA SER B 91 -12.50 0.34 -1.54
C SER B 91 -11.95 -1.08 -1.37
N SER B 92 -12.80 -2.04 -0.99
CA SER B 92 -12.39 -3.45 -0.82
C SER B 92 -12.55 -4.35 -2.07
N GLY B 93 -13.07 -3.78 -3.16
CA GLY B 93 -13.23 -4.48 -4.42
C GLY B 93 -14.59 -5.10 -4.70
N THR B 94 -15.61 -4.64 -3.98
CA THR B 94 -16.97 -5.09 -4.19
C THR B 94 -17.53 -4.21 -5.29
N MET B 95 -18.03 -4.82 -6.37
CA MET B 95 -18.55 -4.05 -7.50
C MET B 95 -20.08 -4.10 -7.40
N MET B 96 -20.70 -2.94 -7.20
CA MET B 96 -22.12 -2.87 -6.85
C MET B 96 -22.92 -2.02 -7.82
N ASN B 97 -24.06 -2.54 -8.28
CA ASN B 97 -25.05 -1.71 -8.96
C ASN B 97 -25.68 -0.70 -7.98
N LYS B 98 -25.53 0.60 -8.25
CA LYS B 98 -25.96 1.66 -7.29
C LYS B 98 -27.43 1.64 -6.95
N SER B 99 -28.25 1.37 -7.94
CA SER B 99 -29.69 1.38 -7.73
C SER B 99 -30.17 0.16 -6.98
N SER B 100 -29.72 -1.02 -7.39
CA SER B 100 -30.26 -2.29 -6.89
C SER B 100 -29.48 -2.86 -5.70
N HIS B 101 -28.23 -2.42 -5.55
CA HIS B 101 -27.29 -2.90 -4.54
C HIS B 101 -26.79 -4.31 -4.77
N LEU B 102 -27.15 -4.90 -5.90
CA LEU B 102 -26.64 -6.21 -6.28
C LEU B 102 -25.18 -6.07 -6.64
N VAL B 103 -24.48 -7.16 -6.43
CA VAL B 103 -23.05 -7.18 -6.45
C VAL B 103 -22.58 -8.25 -7.41
N LEU B 104 -21.52 -7.95 -8.18
CA LEU B 104 -20.91 -8.90 -9.12
C LEU B 104 -20.37 -10.10 -8.34
N THR B 105 -20.88 -11.28 -8.69
CA THR B 105 -20.59 -12.50 -7.96
C THR B 105 -20.24 -13.62 -8.90
N ALA B 106 -19.38 -14.52 -8.44
CA ALA B 106 -19.05 -15.78 -9.11
C ALA B 106 -19.46 -16.95 -8.25
N ASN B 107 -20.63 -17.53 -8.52
CA ASN B 107 -21.17 -18.62 -7.67
C ASN B 107 -20.43 -19.94 -7.75
N ALA B 108 -19.56 -20.12 -8.73
CA ALA B 108 -18.65 -21.27 -8.80
C ALA B 108 -17.26 -20.77 -9.21
N ALA B 109 -16.26 -21.62 -9.12
CA ALA B 109 -14.88 -21.23 -9.37
C ALA B 109 -14.39 -21.61 -10.75
N THR B 110 -15.14 -22.45 -11.47
CA THR B 110 -14.60 -23.06 -12.71
C THR B 110 -14.73 -22.11 -13.88
N SER B 111 -13.77 -22.24 -14.80
CA SER B 111 -13.83 -21.54 -16.07
C SER B 111 -15.23 -21.67 -16.69
N ARG B 112 -15.73 -20.57 -17.25
CA ARG B 112 -17.09 -20.43 -17.86
C ARG B 112 -18.29 -20.28 -16.92
N THR B 113 -18.02 -20.21 -15.62
CA THR B 113 -19.06 -19.91 -14.67
C THR B 113 -19.68 -18.57 -15.06
N ASN B 114 -21.00 -18.56 -15.15
CA ASN B 114 -21.72 -17.32 -15.35
C ASN B 114 -21.64 -16.40 -14.16
N LEU B 115 -21.26 -15.15 -14.37
CA LEU B 115 -21.31 -14.17 -13.29
C LEU B 115 -22.72 -13.64 -13.13
N THR B 116 -23.13 -13.46 -11.88
CA THR B 116 -24.48 -13.02 -11.58
C THR B 116 -24.53 -11.81 -10.64
N GLY B 117 -25.69 -11.14 -10.62
CA GLY B 117 -25.99 -10.09 -9.64
C GLY B 117 -26.54 -10.75 -8.38
N GLU B 118 -25.85 -10.60 -7.24
CA GLU B 118 -26.29 -11.22 -5.99
C GLU B 118 -26.32 -10.21 -4.86
N ASN B 119 -27.04 -10.56 -3.80
CA ASN B 119 -27.04 -9.78 -2.57
C ASN B 119 -25.64 -9.85 -1.95
N ASN B 120 -25.13 -8.71 -1.52
CA ASN B 120 -23.80 -8.66 -0.92
C ASN B 120 -23.73 -9.32 0.45
N VAL B 121 -22.85 -10.32 0.59
CA VAL B 121 -22.49 -10.88 1.88
C VAL B 121 -20.99 -10.77 2.14
N PHE B 122 -20.26 -10.05 1.27
CA PHE B 122 -18.81 -9.85 1.38
C PHE B 122 -18.04 -11.16 1.26
N ALA B 123 -18.56 -12.11 0.48
CA ALA B 123 -17.83 -13.35 0.23
C ALA B 123 -16.59 -13.07 -0.66
N ALA B 124 -15.59 -13.94 -0.59
CA ALA B 124 -14.44 -13.89 -1.49
C ALA B 124 -14.88 -13.94 -2.96
N LYS B 125 -15.91 -14.75 -3.24
CA LYS B 125 -16.51 -14.81 -4.57
C LYS B 125 -17.22 -13.54 -5.02
N GLN B 126 -17.22 -12.51 -4.18
CA GLN B 126 -17.79 -11.19 -4.51
C GLN B 126 -16.71 -10.14 -4.40
N ALA B 127 -15.46 -10.56 -4.40
CA ALA B 127 -14.34 -9.64 -4.36
C ALA B 127 -13.64 -9.71 -5.70
N TRP B 128 -13.27 -8.53 -6.20
CA TRP B 128 -12.57 -8.37 -7.50
C TRP B 128 -11.43 -7.38 -7.37
N ARG B 129 -10.44 -7.58 -8.24
CA ARG B 129 -9.32 -6.71 -8.45
C ARG B 129 -9.44 -6.15 -9.85
N ILE B 130 -9.79 -4.87 -9.91
CA ILE B 130 -9.73 -4.10 -11.13
C ILE B 130 -8.27 -3.65 -11.32
N GLY B 131 -7.66 -4.12 -12.40
CA GLY B 131 -6.32 -3.84 -12.74
C GLY B 131 -5.77 -4.75 -13.81
N ASN B 132 -4.75 -4.31 -14.49
CA ASN B 132 -4.12 -5.06 -15.53
C ASN B 132 -3.23 -6.18 -15.03
N TYR B 133 -2.65 -6.04 -13.85
CA TYR B 133 -1.84 -7.07 -13.29
C TYR B 133 -2.78 -7.98 -12.54
N VAL B 134 -3.02 -9.15 -13.09
CA VAL B 134 -3.99 -10.12 -12.56
C VAL B 134 -3.38 -11.26 -11.73
N GLU B 135 -2.07 -11.37 -11.71
CA GLU B 135 -1.38 -12.45 -10.98
C GLU B 135 -1.57 -12.36 -9.46
N PRO B 136 -1.51 -13.49 -8.79
CA PRO B 136 -1.39 -13.43 -7.35
C PRO B 136 -0.09 -12.74 -6.97
N ILE B 137 -0.12 -11.94 -5.91
CA ILE B 137 1.04 -11.20 -5.43
C ILE B 137 1.64 -12.02 -4.31
N VAL B 138 2.89 -12.40 -4.48
CA VAL B 138 3.60 -13.23 -3.51
C VAL B 138 4.23 -12.35 -2.44
N THR B 139 4.03 -12.68 -1.17
CA THR B 139 4.49 -11.82 -0.09
C THR B 139 4.67 -12.57 1.23
N THR B 140 5.34 -11.91 2.16
CA THR B 140 5.33 -12.32 3.53
C THR B 140 4.41 -11.36 4.22
N ILE B 141 3.95 -11.76 5.41
CA ILE B 141 3.03 -10.96 6.16
C ILE B 141 3.59 -10.86 7.57
N ILE B 142 3.95 -9.64 7.96
CA ILE B 142 4.70 -9.35 9.18
C ILE B 142 3.69 -8.85 10.19
N GLY B 143 3.76 -9.37 11.40
CA GLY B 143 2.90 -8.93 12.48
C GLY B 143 3.71 -8.64 13.73
N LEU B 144 3.03 -8.81 14.88
CA LEU B 144 3.57 -8.51 16.20
C LEU B 144 4.95 -9.11 16.40
N ARG B 145 5.81 -8.35 17.09
CA ARG B 145 7.21 -8.70 17.34
C ARG B 145 8.03 -8.97 16.07
N HIS B 146 7.63 -8.28 14.99
CA HIS B 146 8.29 -8.30 13.69
C HIS B 146 8.42 -9.73 13.15
N MET B 147 7.43 -10.56 13.45
CA MET B 147 7.46 -11.97 13.08
C MET B 147 6.64 -12.14 11.83
N CYS B 148 6.77 -13.30 11.20
CA CYS B 148 6.10 -13.60 9.91
C CYS B 148 5.03 -14.66 10.10
N LEU B 149 3.88 -14.50 9.45
CA LEU B 149 2.87 -15.58 9.43
C LEU B 149 3.39 -16.79 8.67
N GLU B 150 3.24 -17.96 9.26
CA GLU B 150 3.74 -19.20 8.69
C GLU B 150 2.59 -20.22 8.63
N ALA B 151 2.49 -20.93 7.52
CA ALA B 151 1.53 -22.01 7.40
C ALA B 151 2.15 -23.23 8.10
N THR B 152 1.39 -23.84 8.99
CA THR B 152 1.90 -24.89 9.88
C THR B 152 0.93 -26.06 9.92
N ASP B 153 1.38 -27.16 10.52
CA ASP B 153 0.62 -28.41 10.69
C ASP B 153 0.02 -28.89 9.39
N ASN B 154 0.91 -29.11 8.42
CA ASN B 154 0.51 -29.59 7.10
C ASN B 154 -0.48 -28.69 6.40
N ASP B 155 -0.17 -27.39 6.46
CA ASP B 155 -1.01 -26.35 5.87
C ASP B 155 -2.45 -26.35 6.39
N THR B 156 -2.62 -26.61 7.68
CA THR B 156 -3.93 -26.52 8.34
C THR B 156 -4.06 -25.37 9.34
N ASN B 157 -2.93 -24.95 9.90
CA ASN B 157 -2.90 -23.86 10.85
C ASN B 157 -1.98 -22.72 10.40
N VAL B 158 -2.06 -21.62 11.13
CA VAL B 158 -1.29 -20.43 10.84
C VAL B 158 -0.99 -19.65 12.13
N TRP B 159 0.28 -19.29 12.30
CA TRP B 159 0.69 -18.43 13.41
C TRP B 159 2.02 -17.74 13.13
N LEU B 160 2.48 -16.92 14.07
CA LEU B 160 3.73 -16.16 13.89
C LEU B 160 4.99 -16.96 14.24
N GLU B 161 5.98 -16.89 13.37
CA GLU B 161 7.33 -17.39 13.64
C GLU B 161 8.34 -16.32 13.20
N SER B 162 9.55 -16.40 13.73
CA SER B 162 10.63 -15.51 13.27
C SER B 162 10.80 -15.61 11.76
N CYS B 163 10.92 -14.45 11.12
CA CYS B 163 11.05 -14.37 9.67
C CYS B 163 12.37 -14.99 9.25
N VAL B 164 12.31 -15.94 8.32
CA VAL B 164 13.49 -16.56 7.69
C VAL B 164 13.26 -16.47 6.18
N LYS B 165 14.13 -15.73 5.51
CA LYS B 165 14.04 -15.45 4.07
C LYS B 165 13.78 -16.71 3.24
N ASN B 166 14.54 -17.77 3.49
CA ASN B 166 14.35 -18.98 2.65
C ASN B 166 13.01 -19.76 2.85
N LYS B 167 12.28 -19.51 3.95
CA LYS B 167 11.30 -20.47 4.49
C LYS B 167 10.00 -20.46 3.68
N THR B 168 9.78 -21.51 2.90
CA THR B 168 8.73 -21.47 1.88
C THR B 168 7.31 -21.28 2.45
N LYS B 169 7.06 -21.80 3.66
CA LYS B 169 5.75 -21.74 4.29
C LYS B 169 5.43 -20.35 4.90
N GLN B 170 6.39 -19.43 4.91
CA GLN B 170 6.12 -18.02 5.26
C GLN B 170 5.74 -17.16 4.08
N TYR B 171 5.56 -17.74 2.91
CA TYR B 171 5.12 -16.97 1.73
C TYR B 171 3.64 -17.19 1.44
N TRP B 172 2.99 -16.11 1.04
CA TRP B 172 1.57 -16.10 0.80
C TRP B 172 1.31 -15.50 -0.54
N ALA B 173 0.31 -16.03 -1.23
CA ALA B 173 -0.12 -15.51 -2.50
C ALA B 173 -1.44 -14.77 -2.31
N LEU B 174 -1.42 -13.48 -2.63
CA LEU B 174 -2.58 -12.63 -2.48
C LEU B 174 -3.33 -12.55 -3.80
N TYR B 175 -4.56 -13.02 -3.76
CA TYR B 175 -5.36 -13.21 -4.95
C TYR B 175 -6.37 -12.12 -5.16
N SER B 176 -6.84 -12.05 -6.39
CA SER B 176 -7.72 -11.00 -6.82
C SER B 176 -9.09 -11.08 -6.13
N ASP B 177 -9.41 -12.25 -5.56
CA ASP B 177 -10.65 -12.44 -4.78
C ASP B 177 -10.46 -12.17 -3.28
N ASP B 178 -9.39 -11.45 -2.93
CA ASP B 178 -9.11 -11.04 -1.54
C ASP B 178 -8.79 -12.24 -0.67
N THR B 179 -8.47 -13.40 -1.25
CA THR B 179 -7.99 -14.54 -0.49
C THR B 179 -6.51 -14.41 -0.24
N ILE B 180 -6.04 -15.07 0.82
CA ILE B 180 -4.64 -15.14 1.15
C ILE B 180 -4.30 -16.63 1.07
N ARG B 181 -3.46 -17.03 0.13
CA ARG B 181 -3.30 -18.44 -0.14
C ARG B 181 -1.93 -18.93 0.22
N VAL B 182 -1.86 -20.18 0.63
CA VAL B 182 -0.58 -20.82 0.84
C VAL B 182 0.16 -20.74 -0.52
N ASN B 183 1.36 -20.17 -0.53
CA ASN B 183 2.02 -19.96 -1.81
C ASN B 183 2.33 -21.27 -2.59
N ASN B 184 2.81 -22.29 -1.88
CA ASN B 184 3.07 -23.67 -2.40
C ASN B 184 1.84 -24.51 -2.60
N ASN B 185 0.69 -24.03 -2.15
CA ASN B 185 -0.50 -24.79 -2.36
C ASN B 185 -1.68 -23.89 -2.42
N ARG B 186 -1.94 -23.46 -3.66
CA ARG B 186 -2.84 -22.39 -3.93
C ARG B 186 -4.30 -22.78 -3.97
N ASN B 187 -4.59 -24.04 -3.61
CA ASN B 187 -5.97 -24.42 -3.29
C ASN B 187 -6.30 -24.18 -1.82
N LEU B 188 -5.32 -23.77 -1.02
CA LEU B 188 -5.53 -23.55 0.40
C LEU B 188 -5.51 -22.04 0.76
N CYS B 189 -6.55 -21.62 1.49
CA CYS B 189 -6.85 -20.24 1.85
C CYS B 189 -6.87 -20.04 3.38
N VAL B 190 -6.36 -18.89 3.81
CA VAL B 190 -6.48 -18.48 5.20
C VAL B 190 -7.97 -18.22 5.46
N SER B 191 -8.44 -18.77 6.56
CA SER B 191 -9.87 -18.85 6.83
C SER B 191 -10.18 -18.52 8.26
N SER B 192 -11.14 -17.62 8.45
CA SER B 192 -11.77 -17.46 9.76
C SER B 192 -12.53 -18.73 10.11
N SER B 193 -12.76 -18.90 11.41
CA SER B 193 -13.33 -20.13 11.99
C SER B 193 -14.68 -20.46 11.39
N THR B 194 -14.87 -21.72 11.02
CA THR B 194 -16.21 -22.25 10.66
C THR B 194 -16.94 -22.81 11.91
N ASP B 195 -16.20 -23.04 12.99
CA ASP B 195 -16.76 -23.49 14.25
C ASP B 195 -17.11 -22.27 15.11
N SER B 196 -18.40 -22.10 15.37
CA SER B 196 -18.93 -21.02 16.20
C SER B 196 -18.24 -20.84 17.56
N SER B 197 -17.76 -21.95 18.13
CA SER B 197 -17.13 -21.92 19.43
C SER B 197 -15.70 -21.36 19.45
N SER B 198 -15.10 -21.14 18.27
CA SER B 198 -13.70 -20.74 18.14
C SER B 198 -13.54 -19.49 17.30
N LYS B 199 -12.62 -18.63 17.70
CA LYS B 199 -12.25 -17.45 16.90
C LYS B 199 -10.95 -17.69 16.13
N LEU B 200 -10.45 -18.92 16.17
CA LEU B 200 -9.11 -19.19 15.67
C LEU B 200 -9.08 -19.15 14.16
N ILE B 201 -8.17 -18.36 13.62
CA ILE B 201 -7.96 -18.32 12.20
C ILE B 201 -7.13 -19.56 11.78
N VAL B 202 -7.57 -20.19 10.67
CA VAL B 202 -6.97 -21.44 10.19
C VAL B 202 -6.70 -21.42 8.69
N ILE B 203 -6.24 -22.55 8.15
CA ILE B 203 -6.12 -22.73 6.70
C ILE B 203 -7.03 -23.87 6.25
N ARG B 204 -7.84 -23.61 5.22
CA ARG B 204 -8.78 -24.54 4.69
C ARG B 204 -8.80 -24.43 3.16
N ARG B 205 -9.42 -25.42 2.52
CA ARG B 205 -9.60 -25.46 1.07
C ARG B 205 -10.39 -24.22 0.67
N CYS B 206 -9.88 -23.49 -0.32
CA CYS B 206 -10.55 -22.27 -0.81
C CYS B 206 -11.97 -22.60 -1.29
N ASP B 207 -12.96 -21.86 -0.82
CA ASP B 207 -14.33 -22.14 -1.21
C ASP B 207 -15.14 -20.91 -1.54
N GLY B 208 -14.49 -19.75 -1.64
CA GLY B 208 -15.22 -18.55 -2.03
C GLY B 208 -16.00 -17.83 -0.96
N SER B 209 -15.90 -18.31 0.27
CA SER B 209 -16.73 -17.85 1.38
C SER B 209 -16.30 -16.52 2.00
N ILE B 210 -17.21 -15.97 2.80
CA ILE B 210 -16.94 -14.82 3.68
C ILE B 210 -15.71 -15.01 4.59
N ASN B 211 -15.54 -16.24 5.07
CA ASN B 211 -14.45 -16.64 5.94
C ASN B 211 -13.08 -16.45 5.36
N GLN B 212 -13.00 -16.47 4.04
CA GLN B 212 -11.75 -16.33 3.32
C GLN B 212 -11.49 -15.01 2.62
N ARG B 213 -12.33 -14.01 2.86
CA ARG B 213 -12.16 -12.70 2.22
C ARG B 213 -11.44 -11.74 3.16
N TRP B 214 -10.13 -11.48 2.38
CA TRP B 214 -9.60 -10.66 3.44
C TRP B 214 -9.29 -9.21 3.07
N VAL B 215 -9.23 -8.00 3.59
CA VAL B 215 -8.87 -6.70 3.07
C VAL B 215 -7.68 -6.18 3.88
N PHE B 216 -6.59 -5.82 3.19
CA PHE B 216 -5.45 -5.14 3.84
C PHE B 216 -5.76 -3.65 3.89
N THR B 217 -6.10 -3.14 5.05
CA THR B 217 -6.62 -1.78 5.14
C THR B 217 -5.45 -0.80 5.20
N PRO B 218 -5.73 0.47 4.88
CA PRO B 218 -4.63 1.44 4.98
C PRO B 218 -4.17 1.69 6.41
N GLN B 219 -5.05 1.54 7.38
CA GLN B 219 -4.67 1.62 8.79
C GLN B 219 -3.90 0.39 9.34
N GLY B 220 -3.52 -0.54 8.47
CA GLY B 220 -2.62 -1.62 8.85
C GLY B 220 -3.24 -2.86 9.45
N THR B 221 -4.56 -2.97 9.37
CA THR B 221 -5.25 -4.19 9.79
C THR B 221 -5.50 -5.14 8.62
N ILE B 222 -5.76 -6.40 8.98
CA ILE B 222 -6.25 -7.40 8.03
C ILE B 222 -7.70 -7.69 8.38
N SER B 223 -8.60 -7.06 7.64
CA SER B 223 -10.03 -7.04 7.95
C SER B 223 -10.79 -8.14 7.21
N ASN B 224 -11.71 -8.78 7.92
CA ASN B 224 -12.72 -9.62 7.28
C ASN B 224 -13.99 -8.77 7.29
N PRO B 225 -14.32 -8.12 6.18
CA PRO B 225 -15.40 -7.11 6.22
C PRO B 225 -16.78 -7.65 6.48
N GLY B 226 -17.06 -8.87 6.06
CA GLY B 226 -18.37 -9.47 6.32
C GLY B 226 -18.63 -9.84 7.79
N TYR B 227 -17.58 -10.28 8.49
CA TYR B 227 -17.65 -10.50 9.93
C TYR B 227 -17.21 -9.27 10.75
N GLU B 228 -17.00 -8.13 10.11
CA GLU B 228 -16.70 -6.87 10.81
C GLU B 228 -15.62 -7.02 11.92
N ALA B 229 -14.59 -7.80 11.62
CA ALA B 229 -13.53 -8.10 12.57
C ALA B 229 -12.16 -8.06 11.83
N VAL B 230 -11.07 -8.17 12.59
CA VAL B 230 -9.71 -8.14 12.05
C VAL B 230 -8.87 -9.26 12.62
N MET B 231 -7.81 -9.63 11.89
CA MET B 231 -6.82 -10.57 12.42
C MET B 231 -6.11 -9.97 13.60
N ASP B 232 -5.81 -10.81 14.58
CA ASP B 232 -5.32 -10.36 15.88
C ASP B 232 -4.48 -11.47 16.47
N VAL B 233 -3.37 -11.12 17.07
CA VAL B 233 -2.55 -12.08 17.79
C VAL B 233 -3.18 -12.31 19.18
N ALA B 234 -3.58 -13.54 19.48
CA ALA B 234 -4.28 -13.85 20.74
C ALA B 234 -3.46 -13.37 21.93
N GLN B 235 -4.10 -12.55 22.76
CA GLN B 235 -3.52 -11.97 23.98
C GLN B 235 -2.28 -11.11 23.74
N ASN B 236 -2.13 -10.63 22.50
CA ASN B 236 -0.88 -10.04 22.04
C ASN B 236 0.31 -10.88 22.44
N ASP B 237 0.17 -12.17 22.37
CA ASP B 237 1.23 -13.06 22.73
C ASP B 237 1.54 -14.02 21.61
N VAL B 238 2.61 -13.75 20.90
CA VAL B 238 3.00 -14.59 19.79
C VAL B 238 3.33 -16.03 20.17
N TYR B 239 3.68 -16.28 21.41
CA TYR B 239 3.99 -17.63 21.83
C TYR B 239 2.81 -18.54 21.97
N LEU B 240 1.63 -17.97 22.04
CA LEU B 240 0.43 -18.82 22.08
C LEU B 240 0.11 -19.50 20.76
N LYS B 241 0.75 -19.06 19.66
CA LYS B 241 0.60 -19.71 18.35
C LYS B 241 -0.88 -19.71 17.90
N LYS B 242 -1.54 -18.58 18.13
CA LYS B 242 -2.92 -18.45 17.79
C LYS B 242 -3.14 -17.04 17.27
N ILE B 243 -3.74 -17.00 16.07
CA ILE B 243 -4.24 -15.81 15.46
C ILE B 243 -5.72 -15.95 15.45
N VAL B 244 -6.40 -14.86 15.78
CA VAL B 244 -7.81 -14.86 15.97
C VAL B 244 -8.45 -13.67 15.30
N LEU B 245 -9.76 -13.80 15.09
CA LEU B 245 -10.61 -12.75 14.56
C LEU B 245 -11.22 -11.95 15.71
N SER B 246 -10.97 -10.64 15.78
CA SER B 246 -11.48 -9.78 16.85
C SER B 246 -12.03 -8.50 16.30
N SER B 247 -12.90 -7.85 17.04
CA SER B 247 -13.32 -6.53 16.64
C SER B 247 -12.11 -5.58 16.84
N ALA B 248 -12.02 -4.59 15.95
CA ALA B 248 -10.95 -3.59 15.97
C ALA B 248 -10.81 -2.91 17.34
N THR B 249 -9.59 -2.87 17.82
CA THR B 249 -9.26 -2.29 19.11
C THR B 249 -7.94 -1.56 19.04
N ASP B 250 -7.85 -0.44 19.73
CA ASP B 250 -6.62 0.32 19.77
C ASP B 250 -5.74 -0.14 20.93
N LYS B 251 -6.25 -1.08 21.71
CA LYS B 251 -5.55 -1.58 22.89
C LYS B 251 -4.21 -2.28 22.67
N GLY B 252 -4.09 -3.07 21.61
CA GLY B 252 -2.86 -3.76 21.35
C GLY B 252 -2.33 -3.66 19.94
N ASN B 253 -1.06 -3.97 19.79
CA ASN B 253 -0.41 -3.96 18.49
C ASN B 253 -0.66 -5.26 17.75
N GLY B 254 -1.41 -6.16 18.35
CA GLY B 254 -1.68 -7.47 17.74
C GLY B 254 -2.53 -7.40 16.48
N GLN B 255 -3.15 -6.26 16.22
CA GLN B 255 -3.95 -6.06 15.05
C GLN B 255 -3.19 -5.36 13.90
N GLN B 256 -1.90 -5.08 14.08
CA GLN B 256 -1.10 -4.38 13.09
C GLN B 256 -0.29 -5.35 12.26
N TRP B 257 -0.33 -5.19 10.94
CA TRP B 257 0.32 -6.13 10.00
C TRP B 257 1.00 -5.33 8.89
N THR B 258 2.00 -5.92 8.25
CA THR B 258 2.69 -5.34 7.10
C THR B 258 2.80 -6.37 5.96
N VAL B 259 2.65 -5.88 4.75
CA VAL B 259 2.85 -6.68 3.57
C VAL B 259 4.27 -6.43 3.10
N PHE B 260 5.11 -7.47 3.09
CA PHE B 260 6.48 -7.33 2.58
C PHE B 260 6.74 -8.27 1.40
N TYR B 261 6.85 -7.72 0.20
CA TYR B 261 6.65 -8.43 -1.08
C TYR B 261 7.92 -8.42 -1.95
#